data_6ME2
#
_entry.id   6ME2
#
_cell.length_a   122.300
_cell.length_b   122.300
_cell.length_c   122.800
_cell.angle_alpha   90.00
_cell.angle_beta   90.00
_cell.angle_gamma   90.00
#
_symmetry.space_group_name_H-M   'P 4 21 2'
#
loop_
_entity.id
_entity.type
_entity.pdbx_description
1 polymer 'chimera protein of Melatonin receptor type 1A and GlgA glycogen synthase'
2 non-polymer N-{2-[(8S)-1,6,7,8-tetrahydro-2H-indeno[5,4-b]furan-8-yl]ethyl}propanamide
3 non-polymer 'OLEIC ACID'
4 non-polymer DI(HYDROXYETHYL)ETHER
5 water water
#
_entity_poly.entity_id   1
_entity_poly.type   'polypeptide(L)'
_entity_poly.pdbx_seq_one_letter_code
;GTSQPVLRGDGARPSWLASALACVLIFTIVVDILGNLLVILSVYRNKKLRNAGNIFVVSLAVANLVVAIYPYPLVLMSIF
NNGWNFGYLHCQVSAFLMGLSVIGSIWNITGIAIDRYLYI(YCM)HSLKYDKLYSSKNSLCYVLLIWLLTLAAVLPNLRA
GTLQYDPRIYSCTFAQSVSSAYTIAVVVFHFLVPMIIVIFCYLRIWILVLQVRGID(YCM)SFWNESYLTGSRDERKKSL
LSKFGMDEGVTFMFIGRFDRGQKGVDVLLKAIEILSSKKEFQEMRFIIIGKGDPELEGWARSLEEKHGNVKVITEMLSRE
FVRELYGSVDFVIIPSYFEPFGLVALEAMCLGAIPIASAVGGLRDIITNETGILVKAGDPGELANAILKALELSRSDLSK
FRENCKKRAMSFSKLKPQDFRNFVTMFVVFVLFAICFAPLNFIGLAVASDPASMVPRIPEWLFVASYYMAYFNSCLNPII
YGLLDQNFRKEYRRIIVSLCTARVFFVDSSN
;
_entity_poly.pdbx_strand_id   A
#
# COMPACT_ATOMS: atom_id res chain seq x y z
N ARG A 13 -28.39 28.45 -15.89
CA ARG A 13 -28.33 28.20 -14.45
C ARG A 13 -29.35 29.06 -13.68
N PRO A 14 -30.06 28.52 -12.67
CA PRO A 14 -31.05 29.33 -11.93
C PRO A 14 -30.46 30.18 -10.81
N SER A 15 -31.29 31.03 -10.17
CA SER A 15 -30.91 31.94 -9.09
C SER A 15 -30.49 31.23 -7.80
N TRP A 16 -31.19 30.13 -7.46
CA TRP A 16 -30.90 29.33 -6.26
C TRP A 16 -29.53 28.64 -6.29
N LEU A 17 -29.04 28.32 -7.51
CA LEU A 17 -27.75 27.68 -7.74
C LEU A 17 -26.60 28.49 -7.15
N ALA A 18 -26.63 29.84 -7.29
CA ALA A 18 -25.63 30.75 -6.75
C ALA A 18 -25.64 30.73 -5.21
N SER A 19 -26.84 30.75 -4.60
CA SER A 19 -27.03 30.70 -3.15
C SER A 19 -26.64 29.34 -2.58
N ALA A 20 -26.80 28.26 -3.38
CA ALA A 20 -26.44 26.89 -3.00
C ALA A 20 -24.92 26.73 -2.89
N LEU A 21 -24.16 27.32 -3.84
CA LEU A 21 -22.69 27.29 -3.87
C LEU A 21 -22.11 28.04 -2.67
N ALA A 22 -22.73 29.19 -2.31
CA ALA A 22 -22.35 30.04 -1.19
C ALA A 22 -22.46 29.29 0.15
N CYS A 23 -23.46 28.39 0.29
CA CYS A 23 -23.66 27.57 1.49
C CYS A 23 -22.50 26.58 1.65
N VAL A 24 -22.10 25.92 0.54
CA VAL A 24 -21.01 24.95 0.45
C VAL A 24 -19.70 25.59 0.94
N LEU A 25 -19.37 26.80 0.42
CA LEU A 25 -18.18 27.54 0.83
C LEU A 25 -18.24 28.01 2.26
N ILE A 26 -19.41 28.53 2.72
CA ILE A 26 -19.61 28.97 4.11
C ILE A 26 -19.35 27.80 5.06
N PHE A 27 -19.89 26.61 4.73
CA PHE A 27 -19.70 25.38 5.49
C PHE A 27 -18.21 25.00 5.49
N THR A 28 -17.58 25.01 4.28
CA THR A 28 -16.17 24.67 4.07
C THR A 28 -15.26 25.56 4.92
N ILE A 29 -15.42 26.89 4.83
CA ILE A 29 -14.63 27.88 5.59
C ILE A 29 -14.69 27.61 7.10
N VAL A 30 -15.92 27.56 7.66
CA VAL A 30 -16.18 27.36 9.10
C VAL A 30 -15.63 26.00 9.58
N VAL A 31 -15.99 24.89 8.93
CA VAL A 31 -15.54 23.53 9.30
C VAL A 31 -14.01 23.38 9.09
N ASP A 32 -13.42 24.09 8.11
CA ASP A 32 -11.97 24.07 7.86
C ASP A 32 -11.24 24.77 9.01
N ILE A 33 -11.59 26.05 9.29
CA ILE A 33 -10.96 26.86 10.34
C ILE A 33 -11.08 26.18 11.70
N LEU A 34 -12.32 25.91 12.15
CA LEU A 34 -12.56 25.28 13.45
C LEU A 34 -12.03 23.86 13.57
N GLY A 35 -12.31 23.03 12.58
CA GLY A 35 -11.88 21.64 12.54
C GLY A 35 -10.38 21.42 12.49
N ASN A 36 -9.67 22.10 11.56
CA ASN A 36 -8.21 21.95 11.43
C ASN A 36 -7.44 22.58 12.59
N LEU A 37 -8.04 23.59 13.28
CA LEU A 37 -7.41 24.16 14.48
C LEU A 37 -7.46 23.12 15.60
N LEU A 38 -8.57 22.33 15.65
CA LEU A 38 -8.76 21.23 16.58
C LEU A 38 -7.75 20.11 16.30
N VAL A 39 -7.50 19.81 14.98
CA VAL A 39 -6.54 18.80 14.53
C VAL A 39 -5.13 19.16 15.03
N ILE A 40 -4.72 20.44 14.84
CA ILE A 40 -3.41 20.96 15.28
C ILE A 40 -3.29 20.90 16.82
N LEU A 41 -4.32 21.41 17.53
CA LEU A 41 -4.37 21.38 19.00
C LEU A 41 -4.31 19.97 19.58
N SER A 42 -5.07 19.01 18.99
CA SER A 42 -5.13 17.61 19.42
C SER A 42 -3.79 16.89 19.38
N VAL A 43 -2.99 17.13 18.33
CA VAL A 43 -1.65 16.52 18.17
C VAL A 43 -0.69 17.01 19.30
N TYR A 44 -0.82 18.29 19.66
N TYR A 44 -0.82 18.28 19.72
CA TYR A 44 -0.05 18.96 20.72
CA TYR A 44 0.02 18.80 20.80
C TYR A 44 -0.52 18.47 22.11
C TYR A 44 -0.59 18.59 22.20
N ARG A 45 -1.86 18.38 22.31
N ARG A 45 -1.90 18.24 22.27
CA ARG A 45 -2.49 17.96 23.57
CA ARG A 45 -2.60 17.97 23.54
C ARG A 45 -2.30 16.48 23.88
C ARG A 45 -2.48 16.50 23.94
N ASN A 46 -2.79 15.57 23.01
CA ASN A 46 -2.72 14.11 23.21
C ASN A 46 -1.33 13.54 23.08
N LYS A 47 -0.93 12.69 24.06
CA LYS A 47 0.37 12.02 24.11
C LYS A 47 0.46 10.93 23.04
N LYS A 48 -0.66 10.21 22.80
CA LYS A 48 -0.77 9.16 21.78
C LYS A 48 -0.73 9.76 20.37
N LEU A 49 -1.36 10.94 20.17
CA LEU A 49 -1.34 11.63 18.88
C LEU A 49 -0.01 12.36 18.65
N ARG A 50 0.71 12.70 19.74
CA ARG A 50 2.01 13.36 19.68
C ARG A 50 3.09 12.35 19.28
N ASN A 51 3.45 12.35 17.98
CA ASN A 51 4.47 11.49 17.37
C ASN A 51 4.97 12.11 16.07
N ALA A 52 6.23 11.80 15.71
CA ALA A 52 6.91 12.28 14.50
C ALA A 52 6.16 11.98 13.20
N GLY A 53 5.52 10.82 13.13
CA GLY A 53 4.72 10.40 11.99
C GLY A 53 3.52 11.29 11.74
N ASN A 54 3.08 12.01 12.79
CA ASN A 54 1.95 12.93 12.72
C ASN A 54 2.34 14.39 12.40
N ILE A 55 3.62 14.64 12.02
CA ILE A 55 4.08 15.98 11.61
C ILE A 55 3.44 16.27 10.23
N PHE A 56 3.29 15.21 9.40
CA PHE A 56 2.66 15.25 8.08
C PHE A 56 1.17 15.60 8.19
N VAL A 57 0.52 15.23 9.31
CA VAL A 57 -0.89 15.50 9.60
C VAL A 57 -1.09 17.01 9.86
N VAL A 58 -0.17 17.61 10.66
CA VAL A 58 -0.18 19.05 11.00
C VAL A 58 0.10 19.86 9.73
N SER A 59 1.06 19.40 8.90
CA SER A 59 1.43 20.01 7.61
C SER A 59 0.23 20.01 6.66
N LEU A 60 -0.53 18.90 6.61
CA LEU A 60 -1.75 18.75 5.80
C LEU A 60 -2.88 19.66 6.33
N ALA A 61 -2.97 19.83 7.67
CA ALA A 61 -3.96 20.71 8.32
C ALA A 61 -3.67 22.18 8.00
N VAL A 62 -2.37 22.56 7.91
CA VAL A 62 -1.92 23.91 7.57
C VAL A 62 -2.27 24.20 6.11
N ALA A 63 -2.00 23.22 5.19
CA ALA A 63 -2.31 23.29 3.76
C ALA A 63 -3.79 23.62 3.57
N ASN A 64 -4.68 22.87 4.24
CA ASN A 64 -6.14 23.05 4.22
C ASN A 64 -6.54 24.41 4.77
N LEU A 65 -5.92 24.83 5.89
CA LEU A 65 -6.21 26.07 6.58
C LEU A 65 -5.94 27.34 5.75
N VAL A 66 -4.90 27.31 4.89
CA VAL A 66 -4.47 28.42 4.02
C VAL A 66 -5.62 28.99 3.16
N VAL A 67 -6.31 28.13 2.36
CA VAL A 67 -7.42 28.53 1.48
C VAL A 67 -8.64 29.12 2.21
N ALA A 68 -8.90 28.69 3.46
CA ALA A 68 -10.05 29.17 4.24
C ALA A 68 -9.88 30.61 4.77
N ILE A 69 -8.63 31.06 4.98
CA ILE A 69 -8.29 32.39 5.53
C ILE A 69 -8.44 33.52 4.50
N TYR A 70 -7.81 33.39 3.31
CA TYR A 70 -7.81 34.45 2.30
C TYR A 70 -8.48 34.04 0.95
N PRO A 71 -8.10 32.94 0.22
CA PRO A 71 -8.76 32.65 -1.08
C PRO A 71 -10.28 32.42 -1.04
N TYR A 72 -10.78 31.40 -0.30
CA TYR A 72 -12.22 31.07 -0.22
C TYR A 72 -13.13 32.27 0.14
N PRO A 73 -12.83 33.14 1.15
CA PRO A 73 -13.71 34.30 1.41
C PRO A 73 -13.87 35.25 0.21
N LEU A 74 -12.81 35.42 -0.62
CA LEU A 74 -12.84 36.27 -1.81
C LEU A 74 -13.71 35.64 -2.91
N VAL A 75 -13.75 34.29 -2.99
CA VAL A 75 -14.58 33.52 -3.92
C VAL A 75 -16.05 33.69 -3.52
N LEU A 76 -16.34 33.62 -2.20
CA LEU A 76 -17.68 33.79 -1.62
C LEU A 76 -18.23 35.18 -1.96
N MET A 77 -17.42 36.23 -1.74
CA MET A 77 -17.79 37.63 -2.05
C MET A 77 -18.05 37.81 -3.55
N SER A 78 -17.29 37.09 -4.39
CA SER A 78 -17.40 37.11 -5.86
C SER A 78 -18.69 36.47 -6.38
N ILE A 79 -19.33 35.55 -5.60
CA ILE A 79 -20.62 34.93 -6.00
C ILE A 79 -21.71 36.02 -5.93
N PHE A 80 -21.77 36.74 -4.79
CA PHE A 80 -22.73 37.82 -4.57
C PHE A 80 -22.44 39.02 -5.47
N ASN A 81 -21.15 39.29 -5.76
CA ASN A 81 -20.73 40.39 -6.65
C ASN A 81 -20.95 40.02 -8.11
N ASN A 82 -21.00 38.71 -8.43
CA ASN A 82 -21.14 38.13 -9.77
C ASN A 82 -20.03 38.68 -10.72
N GLY A 83 -18.81 38.70 -10.19
CA GLY A 83 -17.62 39.20 -10.87
C GLY A 83 -16.44 39.42 -9.95
N TRP A 84 -15.30 39.85 -10.52
CA TRP A 84 -14.08 40.11 -9.76
C TRP A 84 -13.88 41.61 -9.54
N ASN A 85 -14.09 42.03 -8.28
CA ASN A 85 -13.99 43.44 -7.86
C ASN A 85 -12.75 43.70 -7.00
N PHE A 86 -11.73 42.80 -7.07
CA PHE A 86 -10.54 42.91 -6.23
C PHE A 86 -9.22 43.17 -6.98
N GLY A 87 -9.29 43.39 -8.29
CA GLY A 87 -8.12 43.69 -9.12
C GLY A 87 -7.25 42.51 -9.46
N TYR A 88 -6.14 42.75 -10.21
CA TYR A 88 -5.25 41.68 -10.64
C TYR A 88 -4.39 41.10 -9.51
N LEU A 89 -3.87 41.93 -8.57
CA LEU A 89 -3.00 41.48 -7.48
C LEU A 89 -3.67 40.46 -6.56
N HIS A 90 -4.92 40.75 -6.12
CA HIS A 90 -5.67 39.82 -5.29
C HIS A 90 -6.00 38.56 -6.06
N CYS A 91 -6.27 38.68 -7.38
CA CYS A 91 -6.55 37.55 -8.28
C CYS A 91 -5.32 36.66 -8.44
N GLN A 92 -4.12 37.24 -8.58
CA GLN A 92 -2.87 36.49 -8.73
C GLN A 92 -2.50 35.74 -7.45
N VAL A 93 -2.55 36.43 -6.28
CA VAL A 93 -2.23 35.88 -4.95
C VAL A 93 -3.25 34.81 -4.52
N SER A 94 -4.58 35.08 -4.70
CA SER A 94 -5.65 34.13 -4.36
C SER A 94 -5.50 32.81 -5.13
N ALA A 95 -5.09 32.90 -6.42
CA ALA A 95 -4.87 31.74 -7.30
C ALA A 95 -3.61 30.98 -6.88
N PHE A 96 -2.51 31.72 -6.54
CA PHE A 96 -1.23 31.16 -6.10
C PHE A 96 -1.36 30.37 -4.78
N LEU A 97 -2.10 30.90 -3.81
CA LEU A 97 -2.30 30.24 -2.52
C LEU A 97 -3.20 29.01 -2.63
N MET A 98 -4.09 28.97 -3.66
CA MET A 98 -4.96 27.83 -3.95
C MET A 98 -4.12 26.68 -4.49
N GLY A 99 -3.06 27.03 -5.22
CA GLY A 99 -2.10 26.09 -5.78
C GLY A 99 -1.30 25.44 -4.67
N LEU A 100 -0.68 26.26 -3.80
CA LEU A 100 0.11 25.81 -2.64
C LEU A 100 -0.68 24.85 -1.75
N SER A 101 -1.99 25.15 -1.55
CA SER A 101 -2.87 24.33 -0.73
C SER A 101 -3.16 22.98 -1.37
N VAL A 102 -3.68 22.97 -2.62
CA VAL A 102 -4.04 21.75 -3.37
C VAL A 102 -2.82 20.85 -3.63
N ILE A 103 -1.70 21.42 -4.10
CA ILE A 103 -0.46 20.65 -4.40
C ILE A 103 0.17 20.11 -3.10
N GLY A 104 0.20 20.96 -2.07
CA GLY A 104 0.74 20.61 -0.75
C GLY A 104 -0.02 19.47 -0.10
N SER A 105 -1.36 19.42 -0.32
CA SER A 105 -2.26 18.39 0.20
C SER A 105 -1.96 16.99 -0.33
N ILE A 106 -1.86 16.83 -1.67
CA ILE A 106 -1.61 15.52 -2.31
C ILE A 106 -0.19 15.01 -1.98
N TRP A 107 0.81 15.89 -1.84
CA TRP A 107 2.17 15.45 -1.52
C TRP A 107 2.33 15.12 -0.04
N ASN A 108 1.55 15.78 0.85
CA ASN A 108 1.56 15.46 2.27
C ASN A 108 0.89 14.10 2.44
N ILE A 109 -0.17 13.82 1.64
CA ILE A 109 -0.89 12.55 1.62
C ILE A 109 0.05 11.40 1.20
N THR A 110 0.95 11.64 0.21
CA THR A 110 1.95 10.63 -0.21
C THR A 110 2.97 10.42 0.91
N GLY A 111 3.36 11.52 1.57
CA GLY A 111 4.28 11.52 2.70
C GLY A 111 3.80 10.66 3.84
N ILE A 112 2.47 10.66 4.10
CA ILE A 112 1.84 9.82 5.11
C ILE A 112 1.86 8.37 4.63
N ALA A 113 1.47 8.12 3.35
CA ALA A 113 1.44 6.79 2.73
C ALA A 113 2.80 6.08 2.75
N ILE A 114 3.91 6.85 2.56
CA ILE A 114 5.28 6.31 2.60
C ILE A 114 5.69 6.08 4.06
N ASP A 115 5.35 7.02 4.95
CA ASP A 115 5.63 6.93 6.40
C ASP A 115 4.98 5.70 7.02
N ARG A 116 3.70 5.42 6.68
CA ARG A 116 2.95 4.27 7.20
C ARG A 116 3.44 2.93 6.67
N TYR A 117 3.84 2.87 5.38
CA TYR A 117 4.38 1.66 4.76
C TYR A 117 5.76 1.32 5.37
N LEU A 118 6.57 2.35 5.66
CA LEU A 118 7.88 2.17 6.29
C LEU A 118 7.73 1.76 7.76
N TYR A 119 6.58 2.09 8.39
CA TYR A 119 6.25 1.76 9.78
C TYR A 119 6.03 0.25 9.95
N ILE A 120 5.19 -0.37 9.09
CA ILE A 120 4.88 -1.81 9.08
C ILE A 120 6.15 -2.63 8.84
N HIS A 122 9.36 -1.68 9.45
CA HIS A 122 10.20 -1.51 10.63
C HIS A 122 9.69 -2.40 11.77
N SER A 123 8.35 -2.44 11.96
CA SER A 123 7.66 -3.24 12.98
C SER A 123 7.96 -4.72 12.83
N LEU A 124 8.09 -5.21 11.58
CA LEU A 124 8.42 -6.59 11.28
C LEU A 124 9.88 -6.88 11.58
N LYS A 125 10.80 -6.10 10.97
CA LYS A 125 12.25 -6.28 11.08
C LYS A 125 12.84 -6.00 12.47
N TYR A 126 12.28 -5.04 13.24
CA TYR A 126 12.83 -4.66 14.53
C TYR A 126 11.85 -4.69 15.70
N ASP A 127 12.36 -4.83 16.93
CA ASP A 127 11.58 -4.87 18.17
C ASP A 127 11.21 -3.46 18.65
N LYS A 128 12.13 -2.48 18.44
CA LYS A 128 11.93 -1.06 18.80
C LYS A 128 10.98 -0.41 17.80
N LEU A 129 10.07 0.47 18.29
CA LEU A 129 9.09 1.15 17.44
C LEU A 129 9.69 2.16 16.46
N TYR A 130 9.03 2.33 15.31
CA TYR A 130 9.47 3.25 14.26
C TYR A 130 9.34 4.71 14.66
N SER A 131 10.47 5.42 14.69
CA SER A 131 10.56 6.83 15.00
C SER A 131 10.99 7.58 13.74
N SER A 132 10.09 8.41 13.18
CA SER A 132 10.35 9.18 11.96
C SER A 132 11.35 10.31 12.28
N LYS A 133 12.65 9.94 12.25
CA LYS A 133 13.79 10.81 12.57
C LYS A 133 13.88 12.07 11.70
N ASN A 134 13.59 11.93 10.38
CA ASN A 134 13.67 13.03 9.42
C ASN A 134 12.28 13.51 8.94
N SER A 135 11.23 13.37 9.78
CA SER A 135 9.85 13.75 9.48
C SER A 135 9.67 15.21 9.08
N LEU A 136 10.25 16.14 9.86
CA LEU A 136 10.20 17.59 9.60
C LEU A 136 11.02 17.95 8.36
N CYS A 137 12.14 17.23 8.13
CA CYS A 137 13.04 17.41 6.99
C CYS A 137 12.32 17.08 5.67
N TYR A 138 11.50 16.01 5.65
CA TYR A 138 10.71 15.62 4.48
C TYR A 138 9.57 16.60 4.22
N VAL A 139 8.98 17.17 5.29
CA VAL A 139 7.90 18.16 5.23
C VAL A 139 8.42 19.45 4.56
N LEU A 140 9.64 19.89 4.92
CA LEU A 140 10.28 21.07 4.34
C LEU A 140 10.59 20.89 2.84
N LEU A 141 10.86 19.64 2.41
CA LEU A 141 11.11 19.30 1.01
C LEU A 141 9.82 19.34 0.20
N ILE A 142 8.68 18.94 0.83
CA ILE A 142 7.34 18.94 0.23
C ILE A 142 6.94 20.37 -0.12
N TRP A 143 7.15 21.33 0.82
CA TRP A 143 6.85 22.75 0.58
C TRP A 143 7.84 23.43 -0.36
N LEU A 144 9.01 22.81 -0.56
CA LEU A 144 10.03 23.30 -1.50
C LEU A 144 9.64 22.81 -2.90
N LEU A 145 9.00 21.62 -2.98
CA LEU A 145 8.50 20.99 -4.20
C LEU A 145 7.20 21.69 -4.63
N THR A 146 6.31 21.98 -3.66
CA THR A 146 5.02 22.65 -3.86
C THR A 146 5.25 24.07 -4.41
N LEU A 147 6.19 24.83 -3.81
CA LEU A 147 6.56 26.18 -4.24
C LEU A 147 7.16 26.16 -5.65
N ALA A 148 7.98 25.13 -5.97
CA ALA A 148 8.62 24.95 -7.27
C ALA A 148 7.61 24.66 -8.39
N ALA A 149 6.46 24.07 -8.05
CA ALA A 149 5.40 23.70 -8.98
C ALA A 149 4.40 24.83 -9.27
N VAL A 150 4.04 25.62 -8.26
CA VAL A 150 3.04 26.70 -8.36
C VAL A 150 3.67 28.04 -8.83
N LEU A 151 4.96 28.31 -8.51
CA LEU A 151 5.64 29.55 -8.93
C LEU A 151 5.67 29.80 -10.45
N PRO A 152 5.94 28.81 -11.36
CA PRO A 152 5.98 29.12 -12.80
C PRO A 152 4.69 29.67 -13.39
N ASN A 153 3.55 29.37 -12.76
CA ASN A 153 2.20 29.80 -13.17
C ASN A 153 1.99 31.32 -13.12
N LEU A 154 2.76 32.03 -12.26
CA LEU A 154 2.66 33.50 -12.13
C LEU A 154 3.23 34.22 -13.36
N ARG A 155 4.39 33.74 -13.86
CA ARG A 155 5.10 34.30 -15.02
C ARG A 155 4.55 33.77 -16.35
N ALA A 156 3.92 32.56 -16.34
CA ALA A 156 3.33 31.93 -17.52
C ALA A 156 1.98 32.56 -17.90
N GLY A 157 1.32 33.18 -16.92
CA GLY A 157 0.03 33.82 -17.09
C GLY A 157 -1.09 32.82 -17.26
N THR A 158 -0.99 31.70 -16.55
CA THR A 158 -1.99 30.63 -16.63
C THR A 158 -2.99 30.76 -15.46
N LEU A 159 -2.87 31.85 -14.66
CA LEU A 159 -3.76 32.13 -13.54
C LEU A 159 -4.66 33.28 -13.93
N GLN A 160 -5.98 33.02 -14.00
CA GLN A 160 -6.99 34.02 -14.36
C GLN A 160 -8.35 33.73 -13.74
N TYR A 161 -9.27 34.71 -13.82
CA TYR A 161 -10.62 34.60 -13.26
C TYR A 161 -11.55 33.81 -14.19
N ASP A 162 -12.29 32.85 -13.61
CA ASP A 162 -13.29 32.06 -14.33
C ASP A 162 -14.67 32.50 -13.80
N PRO A 163 -15.51 33.09 -14.68
CA PRO A 163 -16.82 33.59 -14.22
C PRO A 163 -17.80 32.51 -13.77
N ARG A 164 -17.67 31.30 -14.33
CA ARG A 164 -18.52 30.14 -14.07
C ARG A 164 -18.43 29.64 -12.62
N ILE A 165 -17.21 29.67 -12.04
CA ILE A 165 -16.93 29.18 -10.69
C ILE A 165 -16.67 30.32 -9.68
N TYR A 166 -16.81 31.59 -10.12
CA TYR A 166 -16.64 32.82 -9.32
C TYR A 166 -15.27 32.92 -8.63
N SER A 167 -14.22 32.38 -9.26
CA SER A 167 -12.88 32.39 -8.67
C SER A 167 -11.72 32.56 -9.65
N CYS A 168 -10.55 32.92 -9.09
CA CYS A 168 -9.27 33.08 -9.77
C CYS A 168 -8.49 31.79 -9.51
N THR A 169 -8.26 31.00 -10.56
CA THR A 169 -7.60 29.69 -10.45
C THR A 169 -6.69 29.40 -11.66
N PHE A 170 -6.16 28.17 -11.73
CA PHE A 170 -5.33 27.69 -12.83
C PHE A 170 -6.25 27.42 -14.03
N ALA A 171 -6.03 28.14 -15.13
CA ALA A 171 -6.82 27.96 -16.33
C ALA A 171 -6.22 26.81 -17.15
N GLN A 172 -7.00 25.72 -17.26
CA GLN A 172 -6.61 24.49 -17.97
C GLN A 172 -6.49 24.72 -19.46
N SER A 173 -7.14 25.77 -19.98
CA SER A 173 -7.16 26.12 -21.41
C SER A 173 -6.05 27.08 -21.85
N VAL A 174 -5.34 27.76 -20.91
CA VAL A 174 -4.24 28.69 -21.25
C VAL A 174 -3.08 27.94 -21.94
N SER A 175 -2.54 26.91 -21.27
CA SER A 175 -1.45 26.10 -21.81
C SER A 175 -1.74 24.65 -21.53
N SER A 176 -1.83 23.83 -22.59
CA SER A 176 -2.09 22.39 -22.47
C SER A 176 -0.89 21.68 -21.83
N ALA A 177 0.34 22.10 -22.21
CA ALA A 177 1.61 21.56 -21.69
C ALA A 177 1.69 21.70 -20.16
N TYR A 178 1.20 22.83 -19.61
CA TYR A 178 1.15 23.07 -18.17
C TYR A 178 0.05 22.22 -17.53
N THR A 179 -1.10 22.09 -18.21
CA THR A 179 -2.26 21.32 -17.76
C THR A 179 -1.95 19.83 -17.65
N ILE A 180 -1.34 19.24 -18.71
CA ILE A 180 -0.92 17.83 -18.78
C ILE A 180 0.08 17.50 -17.68
N ALA A 181 1.13 18.34 -17.51
CA ALA A 181 2.16 18.19 -16.48
C ALA A 181 1.58 18.20 -15.06
N VAL A 182 0.57 19.07 -14.81
CA VAL A 182 -0.12 19.15 -13.52
C VAL A 182 -0.86 17.82 -13.23
N VAL A 183 -1.59 17.29 -14.23
CA VAL A 183 -2.32 16.01 -14.13
C VAL A 183 -1.33 14.85 -13.92
N VAL A 184 -0.31 14.75 -14.79
CA VAL A 184 0.69 13.68 -14.76
C VAL A 184 1.54 13.71 -13.48
N PHE A 185 2.28 14.81 -13.23
CA PHE A 185 3.20 14.94 -12.10
C PHE A 185 2.57 15.19 -10.73
N HIS A 186 1.41 15.89 -10.67
CA HIS A 186 0.83 16.21 -9.36
C HIS A 186 -0.53 15.55 -9.07
N PHE A 187 -0.88 14.48 -9.82
CA PHE A 187 -2.08 13.69 -9.55
C PHE A 187 -1.86 12.20 -9.85
N LEU A 188 -1.52 11.86 -11.10
CA LEU A 188 -1.26 10.47 -11.53
C LEU A 188 -0.05 9.86 -10.84
N VAL A 189 1.10 10.57 -10.81
CA VAL A 189 2.35 10.13 -10.15
C VAL A 189 2.11 9.95 -8.62
N PRO A 190 1.59 10.96 -7.87
CA PRO A 190 1.34 10.73 -6.42
C PRO A 190 0.38 9.57 -6.13
N MET A 191 -0.67 9.41 -6.96
CA MET A 191 -1.68 8.34 -6.83
C MET A 191 -1.10 6.94 -6.96
N ILE A 192 -0.23 6.72 -7.98
CA ILE A 192 0.45 5.45 -8.23
C ILE A 192 1.28 5.06 -7.00
N ILE A 193 2.03 6.03 -6.43
CA ILE A 193 2.84 5.86 -5.22
C ILE A 193 1.95 5.45 -4.03
N VAL A 194 0.85 6.21 -3.79
CA VAL A 194 -0.10 5.96 -2.69
C VAL A 194 -0.77 4.59 -2.80
N ILE A 195 -1.36 4.26 -3.98
CA ILE A 195 -2.01 2.96 -4.24
C ILE A 195 -1.03 1.81 -3.96
N PHE A 196 0.23 1.93 -4.42
CA PHE A 196 1.28 0.93 -4.17
C PHE A 196 1.56 0.75 -2.67
N CYS A 197 1.61 1.87 -1.92
CA CYS A 197 1.85 1.87 -0.48
C CYS A 197 0.74 1.16 0.30
N TYR A 198 -0.53 1.57 0.09
CA TYR A 198 -1.68 0.97 0.79
C TYR A 198 -1.98 -0.46 0.32
N LEU A 199 -1.60 -0.83 -0.91
CA LEU A 199 -1.79 -2.20 -1.40
C LEU A 199 -0.80 -3.10 -0.67
N ARG A 200 0.45 -2.63 -0.49
CA ARG A 200 1.50 -3.36 0.21
C ARG A 200 1.23 -3.50 1.71
N ILE A 201 0.58 -2.48 2.33
CA ILE A 201 0.21 -2.50 3.75
C ILE A 201 -0.88 -3.57 3.95
N TRP A 202 -1.96 -3.50 3.13
CA TRP A 202 -3.09 -4.43 3.15
C TRP A 202 -2.66 -5.92 3.03
N ILE A 203 -1.73 -6.24 2.11
CA ILE A 203 -1.23 -7.62 1.94
C ILE A 203 -0.51 -8.07 3.22
N LEU A 204 0.34 -7.19 3.79
CA LEU A 204 1.08 -7.48 5.01
C LEU A 204 0.18 -7.68 6.23
N VAL A 205 -0.99 -7.02 6.26
CA VAL A 205 -1.98 -7.19 7.35
C VAL A 205 -2.68 -8.57 7.21
N LEU A 206 -2.98 -8.98 5.96
CA LEU A 206 -3.62 -10.28 5.68
C LEU A 206 -2.69 -11.45 5.99
N GLN A 207 -1.37 -11.26 5.81
CA GLN A 207 -0.34 -12.26 6.12
C GLN A 207 -0.20 -12.36 7.64
N VAL A 208 -0.34 -11.23 8.37
CA VAL A 208 -0.28 -11.18 9.84
C VAL A 208 -1.50 -11.92 10.40
N ARG A 209 -2.69 -11.63 9.83
CA ARG A 209 -3.97 -12.24 10.18
C ARG A 209 -4.00 -13.75 9.84
N GLY A 210 -3.57 -14.08 8.63
CA GLY A 210 -3.55 -15.44 8.07
C GLY A 210 -2.76 -16.50 8.81
N ILE A 211 -1.55 -16.17 9.29
CA ILE A 211 -0.68 -17.13 9.98
C ILE A 211 -1.25 -17.59 11.32
N ASP A 212 -1.02 -18.85 11.70
CA ASP A 212 -1.47 -19.43 12.96
C ASP A 212 -0.31 -20.20 13.59
N SER A 214 -0.17 -21.31 16.65
CA SER A 214 -0.68 -22.35 17.53
C SER A 214 -0.84 -23.67 16.77
N PHE A 215 -0.99 -23.63 15.42
CA PHE A 215 -1.08 -24.84 14.60
C PHE A 215 0.28 -25.15 13.99
N TRP A 216 0.77 -24.27 13.10
CA TRP A 216 2.07 -24.40 12.42
C TRP A 216 3.16 -24.11 13.45
N ASN A 217 3.47 -25.12 14.26
CA ASN A 217 4.43 -25.06 15.36
C ASN A 217 5.22 -26.35 15.44
N GLU A 218 6.56 -26.23 15.60
CA GLU A 218 7.49 -27.35 15.71
C GLU A 218 7.24 -28.25 16.95
N SER A 219 6.52 -27.73 17.97
CA SER A 219 6.16 -28.43 19.21
C SER A 219 5.43 -29.74 18.96
N TYR A 220 4.56 -29.78 17.92
CA TYR A 220 3.78 -30.96 17.54
C TYR A 220 4.59 -32.11 16.95
N LEU A 221 5.82 -31.82 16.48
CA LEU A 221 6.72 -32.81 15.90
C LEU A 221 7.60 -33.42 17.01
N THR A 222 7.51 -34.73 17.18
CA THR A 222 8.16 -35.49 18.27
C THR A 222 9.67 -35.73 18.09
N GLY A 223 10.07 -36.48 17.06
CA GLY A 223 11.46 -36.84 16.83
C GLY A 223 12.36 -35.73 16.32
N SER A 224 13.54 -36.12 15.80
CA SER A 224 14.53 -35.20 15.21
C SER A 224 14.16 -34.97 13.74
N ARG A 225 14.68 -33.90 13.11
CA ARG A 225 14.38 -33.61 11.71
C ARG A 225 14.91 -34.71 10.79
N ASP A 226 16.13 -35.20 11.05
CA ASP A 226 16.76 -36.29 10.30
C ASP A 226 15.96 -37.58 10.46
N GLU A 227 15.44 -37.82 11.68
CA GLU A 227 14.61 -38.99 12.01
C GLU A 227 13.27 -38.92 11.27
N ARG A 228 12.60 -37.74 11.33
CA ARG A 228 11.31 -37.49 10.66
C ARG A 228 11.41 -37.64 9.15
N LYS A 229 12.52 -37.16 8.54
CA LYS A 229 12.77 -37.22 7.09
C LYS A 229 12.98 -38.67 6.65
N LYS A 230 13.84 -39.42 7.37
CA LYS A 230 14.13 -40.83 7.10
C LYS A 230 12.84 -41.66 7.19
N SER A 231 11.99 -41.36 8.18
CA SER A 231 10.69 -42.00 8.40
C SER A 231 9.70 -41.66 7.26
N LEU A 232 9.68 -40.39 6.81
CA LEU A 232 8.82 -39.90 5.72
C LEU A 232 9.21 -40.55 4.39
N LEU A 233 10.52 -40.53 4.06
CA LEU A 233 11.04 -41.11 2.82
C LEU A 233 10.90 -42.63 2.78
N SER A 234 10.96 -43.31 3.94
CA SER A 234 10.80 -44.76 4.06
C SER A 234 9.36 -45.15 3.75
N LYS A 235 8.38 -44.31 4.17
CA LYS A 235 6.95 -44.52 3.90
C LYS A 235 6.65 -44.46 2.40
N PHE A 236 7.38 -43.58 1.66
CA PHE A 236 7.25 -43.41 0.22
C PHE A 236 8.18 -44.33 -0.58
N GLY A 237 8.96 -45.15 0.12
CA GLY A 237 9.88 -46.12 -0.47
C GLY A 237 11.06 -45.49 -1.18
N MET A 238 11.73 -44.56 -0.51
CA MET A 238 12.91 -43.83 -0.99
C MET A 238 13.95 -43.72 0.13
N ASP A 239 15.23 -43.69 -0.25
CA ASP A 239 16.36 -43.57 0.68
C ASP A 239 16.61 -42.09 1.07
N GLU A 240 17.59 -41.84 1.94
CA GLU A 240 17.95 -40.51 2.40
C GLU A 240 18.58 -39.67 1.28
N GLY A 241 18.19 -38.40 1.23
CA GLY A 241 18.67 -37.43 0.25
C GLY A 241 17.95 -36.11 0.42
N VAL A 242 18.49 -35.02 -0.17
CA VAL A 242 17.90 -33.68 -0.08
C VAL A 242 16.46 -33.70 -0.65
N THR A 243 15.47 -33.65 0.25
CA THR A 243 14.04 -33.73 -0.07
C THR A 243 13.45 -32.37 -0.39
N PHE A 244 12.80 -32.30 -1.55
CA PHE A 244 12.11 -31.12 -2.09
C PHE A 244 10.64 -31.47 -2.15
N MET A 245 9.79 -30.49 -1.89
CA MET A 245 8.36 -30.68 -1.83
C MET A 245 7.60 -29.58 -2.57
N PHE A 246 6.50 -29.95 -3.24
CA PHE A 246 5.56 -29.06 -3.90
C PHE A 246 4.17 -29.42 -3.39
N ILE A 247 3.38 -28.39 -3.08
CA ILE A 247 2.01 -28.58 -2.59
C ILE A 247 1.12 -27.46 -3.16
N GLY A 248 0.54 -27.75 -4.32
CA GLY A 248 -0.33 -26.80 -5.01
C GLY A 248 -1.18 -27.43 -6.10
N ARG A 249 -2.07 -26.63 -6.69
CA ARG A 249 -2.97 -27.04 -7.76
C ARG A 249 -2.17 -27.29 -9.06
N PHE A 250 -2.60 -28.28 -9.85
CA PHE A 250 -1.96 -28.62 -11.12
C PHE A 250 -2.61 -27.82 -12.25
N ASP A 251 -1.94 -26.72 -12.65
CA ASP A 251 -2.43 -25.83 -13.71
C ASP A 251 -1.28 -25.29 -14.58
N ARG A 252 -1.61 -24.67 -15.73
CA ARG A 252 -0.62 -24.17 -16.69
C ARG A 252 -0.25 -22.68 -16.56
N GLY A 253 -1.03 -21.90 -15.80
CA GLY A 253 -0.77 -20.48 -15.67
C GLY A 253 -0.76 -19.86 -14.27
N GLN A 254 -1.00 -20.65 -13.21
CA GLN A 254 -1.03 -20.07 -11.87
C GLN A 254 0.07 -20.56 -10.91
N LYS A 255 -0.04 -21.82 -10.43
CA LYS A 255 0.88 -22.42 -9.45
C LYS A 255 2.24 -22.86 -10.01
N GLY A 256 2.36 -23.00 -11.34
CA GLY A 256 3.61 -23.34 -12.00
C GLY A 256 4.17 -24.74 -11.79
N VAL A 257 3.30 -25.76 -11.71
CA VAL A 257 3.70 -27.18 -11.58
C VAL A 257 4.43 -27.62 -12.86
N ASP A 258 4.06 -26.99 -14.01
CA ASP A 258 4.64 -27.21 -15.33
C ASP A 258 6.11 -26.76 -15.38
N VAL A 259 6.47 -25.70 -14.61
CA VAL A 259 7.85 -25.19 -14.53
C VAL A 259 8.69 -26.20 -13.74
N LEU A 260 8.14 -26.73 -12.64
CA LEU A 260 8.78 -27.74 -11.79
C LEU A 260 9.01 -29.04 -12.57
N LEU A 261 7.96 -29.54 -13.27
CA LEU A 261 8.03 -30.78 -14.05
C LEU A 261 9.10 -30.75 -15.15
N LYS A 262 9.23 -29.59 -15.84
CA LYS A 262 10.24 -29.39 -16.88
C LYS A 262 11.64 -29.28 -16.26
N ALA A 263 11.75 -28.69 -15.05
CA ALA A 263 13.00 -28.54 -14.31
C ALA A 263 13.54 -29.91 -13.87
N ILE A 264 12.65 -30.84 -13.44
CA ILE A 264 13.01 -32.21 -13.05
C ILE A 264 13.64 -32.94 -14.26
N GLU A 265 13.07 -32.75 -15.46
CA GLU A 265 13.54 -33.33 -16.72
C GLU A 265 14.95 -32.82 -17.07
N ILE A 266 15.22 -31.53 -16.81
CA ILE A 266 16.54 -30.91 -17.05
C ILE A 266 17.55 -31.55 -16.09
N LEU A 267 17.15 -31.71 -14.81
CA LEU A 267 17.97 -32.27 -13.74
C LEU A 267 18.23 -33.78 -13.85
N SER A 268 17.27 -34.55 -14.44
CA SER A 268 17.36 -36.01 -14.56
C SER A 268 18.62 -36.51 -15.26
N SER A 269 19.16 -35.74 -16.22
CA SER A 269 20.37 -36.09 -16.97
C SER A 269 21.65 -35.80 -16.18
N LYS A 270 21.57 -34.89 -15.18
CA LYS A 270 22.69 -34.49 -14.31
C LYS A 270 23.04 -35.56 -13.28
N LYS A 271 24.34 -35.69 -12.95
CA LYS A 271 24.86 -36.64 -11.97
C LYS A 271 24.37 -36.33 -10.54
N GLU A 272 23.99 -35.06 -10.28
CA GLU A 272 23.53 -34.57 -8.99
C GLU A 272 22.08 -34.99 -8.64
N PHE A 273 21.31 -35.45 -9.65
CA PHE A 273 19.91 -35.89 -9.53
C PHE A 273 19.72 -37.04 -8.54
N GLN A 274 20.72 -37.95 -8.46
CA GLN A 274 20.71 -39.12 -7.57
C GLN A 274 20.61 -38.72 -6.10
N GLU A 275 21.18 -37.55 -5.72
CA GLU A 275 21.19 -36.99 -4.37
C GLU A 275 19.88 -36.27 -4.01
N MET A 276 18.93 -36.19 -4.96
CA MET A 276 17.64 -35.50 -4.80
C MET A 276 16.45 -36.43 -4.58
N ARG A 277 15.40 -35.91 -3.90
CA ARG A 277 14.13 -36.59 -3.63
C ARG A 277 13.01 -35.55 -3.83
N PHE A 278 11.95 -35.93 -4.56
CA PHE A 278 10.85 -35.01 -4.87
C PHE A 278 9.48 -35.56 -4.47
N ILE A 279 8.71 -34.74 -3.74
CA ILE A 279 7.36 -35.04 -3.27
C ILE A 279 6.44 -34.01 -3.91
N ILE A 280 5.73 -34.39 -4.98
CA ILE A 280 4.81 -33.47 -5.68
C ILE A 280 3.39 -33.81 -5.23
N ILE A 281 2.73 -32.86 -4.55
CA ILE A 281 1.37 -33.03 -4.03
C ILE A 281 0.42 -32.03 -4.69
N GLY A 282 -0.69 -32.54 -5.19
CA GLY A 282 -1.73 -31.72 -5.84
C GLY A 282 -2.61 -32.45 -6.82
N LYS A 283 -3.52 -31.69 -7.47
CA LYS A 283 -4.48 -32.18 -8.48
C LYS A 283 -4.92 -31.02 -9.38
N GLY A 284 -5.41 -31.35 -10.57
CA GLY A 284 -5.87 -30.35 -11.53
C GLY A 284 -5.95 -30.86 -12.97
N ASP A 285 -5.05 -30.34 -13.82
CA ASP A 285 -4.97 -30.69 -15.24
C ASP A 285 -4.62 -32.18 -15.39
N PRO A 286 -5.44 -32.98 -16.11
CA PRO A 286 -5.13 -34.41 -16.25
C PRO A 286 -3.86 -34.69 -17.05
N GLU A 287 -3.51 -33.79 -18.00
CA GLU A 287 -2.31 -33.90 -18.83
C GLU A 287 -1.06 -33.67 -17.97
N LEU A 288 -1.12 -32.69 -17.05
CA LEU A 288 -0.04 -32.39 -16.11
C LEU A 288 0.04 -33.47 -15.02
N GLU A 289 -1.11 -34.11 -14.71
CA GLU A 289 -1.21 -35.23 -13.77
C GLU A 289 -0.54 -36.47 -14.36
N GLY A 290 -0.64 -36.61 -15.69
CA GLY A 290 -0.03 -37.71 -16.43
C GLY A 290 1.47 -37.55 -16.54
N TRP A 291 1.94 -36.31 -16.84
CA TRP A 291 3.37 -35.94 -16.95
C TRP A 291 4.12 -36.23 -15.64
N ALA A 292 3.50 -35.87 -14.49
CA ALA A 292 4.03 -36.12 -13.14
C ALA A 292 4.08 -37.62 -12.85
N ARG A 293 3.02 -38.37 -13.25
CA ARG A 293 2.94 -39.83 -13.09
C ARG A 293 3.96 -40.55 -13.97
N SER A 294 4.29 -39.96 -15.14
CA SER A 294 5.28 -40.48 -16.09
C SER A 294 6.68 -40.39 -15.51
N LEU A 295 7.00 -39.25 -14.86
CA LEU A 295 8.29 -39.01 -14.21
C LEU A 295 8.46 -39.86 -12.95
N GLU A 296 7.34 -40.17 -12.26
CA GLU A 296 7.28 -41.00 -11.06
C GLU A 296 7.69 -42.45 -11.41
N GLU A 297 7.24 -42.95 -12.58
CA GLU A 297 7.54 -44.30 -13.07
C GLU A 297 8.99 -44.41 -13.54
N LYS A 298 9.48 -43.41 -14.30
CA LYS A 298 10.83 -43.38 -14.86
C LYS A 298 11.91 -43.15 -13.79
N HIS A 299 11.56 -42.46 -12.69
CA HIS A 299 12.51 -42.13 -11.63
C HIS A 299 11.99 -42.50 -10.25
N GLY A 300 12.76 -43.32 -9.54
CA GLY A 300 12.43 -43.78 -8.19
C GLY A 300 12.60 -42.74 -7.09
N ASN A 301 13.12 -41.55 -7.44
CA ASN A 301 13.33 -40.46 -6.49
C ASN A 301 12.23 -39.38 -6.58
N VAL A 302 11.22 -39.63 -7.44
CA VAL A 302 10.06 -38.75 -7.66
C VAL A 302 8.79 -39.47 -7.18
N LYS A 303 8.05 -38.86 -6.24
CA LYS A 303 6.79 -39.39 -5.71
C LYS A 303 5.65 -38.40 -5.88
N VAL A 304 4.54 -38.84 -6.47
CA VAL A 304 3.37 -37.98 -6.71
C VAL A 304 2.20 -38.40 -5.82
N ILE A 305 1.54 -37.41 -5.17
CA ILE A 305 0.37 -37.60 -4.30
C ILE A 305 -0.78 -36.78 -4.88
N THR A 306 -1.74 -37.47 -5.51
CA THR A 306 -2.91 -36.86 -6.16
C THR A 306 -4.10 -36.68 -5.20
N GLU A 307 -4.11 -37.39 -4.06
CA GLU A 307 -5.16 -37.27 -3.05
C GLU A 307 -4.96 -36.02 -2.19
N MET A 308 -6.04 -35.58 -1.51
CA MET A 308 -6.06 -34.41 -0.62
C MET A 308 -5.65 -34.80 0.81
N LEU A 309 -4.54 -34.18 1.29
CA LEU A 309 -3.98 -34.43 2.63
C LEU A 309 -4.50 -33.47 3.68
N SER A 310 -4.53 -33.92 4.95
CA SER A 310 -4.96 -33.12 6.10
C SER A 310 -3.86 -32.12 6.50
N ARG A 311 -4.26 -30.96 7.10
CA ARG A 311 -3.37 -29.91 7.59
C ARG A 311 -2.31 -30.51 8.53
N GLU A 312 -2.72 -31.52 9.31
CA GLU A 312 -1.90 -32.25 10.27
C GLU A 312 -0.74 -32.95 9.55
N PHE A 313 -1.02 -33.67 8.44
CA PHE A 313 0.01 -34.35 7.67
C PHE A 313 0.90 -33.38 6.87
N VAL A 314 0.33 -32.26 6.38
CA VAL A 314 1.07 -31.23 5.64
C VAL A 314 2.10 -30.58 6.60
N ARG A 315 1.66 -30.29 7.86
CA ARG A 315 2.54 -29.73 8.90
C ARG A 315 3.68 -30.70 9.20
N GLU A 316 3.39 -32.02 9.20
CA GLU A 316 4.38 -33.09 9.40
C GLU A 316 5.39 -33.05 8.24
N LEU A 317 4.92 -32.80 6.99
CA LEU A 317 5.74 -32.71 5.80
C LEU A 317 6.71 -31.53 5.84
N TYR A 318 6.20 -30.33 6.24
CA TYR A 318 7.03 -29.11 6.37
C TYR A 318 8.18 -29.31 7.36
N GLY A 319 7.92 -30.03 8.45
CA GLY A 319 8.90 -30.34 9.48
C GLY A 319 9.85 -31.47 9.16
N SER A 320 9.67 -32.12 7.99
CA SER A 320 10.49 -33.25 7.54
C SER A 320 11.35 -32.91 6.32
N VAL A 321 10.74 -32.30 5.27
CA VAL A 321 11.42 -31.93 4.01
C VAL A 321 12.49 -30.87 4.24
N ASP A 322 13.43 -30.73 3.30
CA ASP A 322 14.51 -29.75 3.38
C ASP A 322 14.10 -28.42 2.75
N PHE A 323 13.46 -28.48 1.57
CA PHE A 323 13.01 -27.32 0.79
C PHE A 323 11.58 -27.46 0.30
N VAL A 324 10.88 -26.31 0.22
CA VAL A 324 9.52 -26.22 -0.31
C VAL A 324 9.60 -25.36 -1.55
N ILE A 325 9.22 -25.92 -2.70
CA ILE A 325 9.27 -25.19 -3.95
C ILE A 325 7.93 -24.50 -4.23
N ILE A 326 7.95 -23.17 -4.36
CA ILE A 326 6.75 -22.36 -4.67
C ILE A 326 7.01 -21.73 -6.07
N PRO A 327 6.78 -22.48 -7.19
CA PRO A 327 7.09 -21.94 -8.52
C PRO A 327 5.92 -21.22 -9.19
N SER A 328 5.11 -20.51 -8.37
CA SER A 328 3.93 -19.76 -8.80
C SER A 328 4.26 -18.63 -9.77
N TYR A 329 3.37 -18.41 -10.74
CA TYR A 329 3.46 -17.32 -11.71
C TYR A 329 2.89 -16.09 -11.01
N PHE A 330 1.68 -16.25 -10.44
CA PHE A 330 0.96 -15.24 -9.68
C PHE A 330 0.63 -15.81 -8.29
N GLU A 331 0.98 -15.06 -7.25
CA GLU A 331 0.72 -15.41 -5.86
C GLU A 331 0.48 -14.11 -5.11
N PRO A 332 -0.77 -13.79 -4.68
CA PRO A 332 -0.98 -12.51 -3.99
C PRO A 332 -0.44 -12.49 -2.56
N PHE A 333 -0.75 -13.54 -1.78
CA PHE A 333 -0.30 -13.69 -0.39
C PHE A 333 0.38 -15.04 -0.27
N GLY A 334 1.67 -15.03 0.02
CA GLY A 334 2.47 -16.25 0.14
C GLY A 334 2.35 -16.93 1.48
N LEU A 335 1.10 -17.26 1.91
CA LEU A 335 0.79 -17.94 3.18
C LEU A 335 1.50 -19.29 3.29
N VAL A 336 1.63 -19.99 2.14
CA VAL A 336 2.27 -21.29 1.98
C VAL A 336 3.74 -21.17 2.40
N ALA A 337 4.46 -20.16 1.87
CA ALA A 337 5.86 -19.90 2.21
C ALA A 337 6.06 -19.64 3.71
N LEU A 338 5.16 -18.85 4.36
CA LEU A 338 5.21 -18.56 5.80
C LEU A 338 4.94 -19.82 6.64
N GLU A 339 3.90 -20.60 6.25
CA GLU A 339 3.53 -21.87 6.89
C GLU A 339 4.69 -22.86 6.85
N ALA A 340 5.40 -22.93 5.71
CA ALA A 340 6.59 -23.78 5.53
C ALA A 340 7.73 -23.28 6.44
N MET A 341 7.98 -21.95 6.44
CA MET A 341 9.02 -21.31 7.26
C MET A 341 8.82 -21.51 8.75
N CYS A 342 7.55 -21.68 9.20
CA CYS A 342 7.14 -21.91 10.60
C CYS A 342 7.77 -23.17 11.14
N LEU A 343 7.93 -24.17 10.27
CA LEU A 343 8.45 -25.48 10.64
C LEU A 343 9.86 -25.73 10.08
N GLY A 344 10.58 -24.63 9.80
CA GLY A 344 11.96 -24.65 9.31
C GLY A 344 12.18 -25.15 7.90
N ALA A 345 11.15 -25.14 7.04
CA ALA A 345 11.30 -25.55 5.65
C ALA A 345 11.79 -24.33 4.84
N ILE A 346 12.95 -24.46 4.15
CA ILE A 346 13.55 -23.38 3.38
C ILE A 346 12.85 -23.23 2.01
N PRO A 347 12.23 -22.07 1.70
CA PRO A 347 11.54 -21.94 0.41
C PRO A 347 12.41 -21.56 -0.78
N ILE A 348 12.14 -22.21 -1.91
CA ILE A 348 12.72 -21.87 -3.22
C ILE A 348 11.48 -21.40 -3.97
N ALA A 349 11.27 -20.08 -4.02
CA ALA A 349 10.07 -19.50 -4.61
C ALA A 349 10.32 -18.39 -5.60
N SER A 350 9.32 -18.16 -6.46
CA SER A 350 9.35 -17.13 -7.49
C SER A 350 9.26 -15.73 -6.88
N ALA A 351 10.08 -14.80 -7.41
CA ALA A 351 10.12 -13.40 -6.99
C ALA A 351 8.86 -12.71 -7.53
N VAL A 352 7.74 -12.94 -6.83
CA VAL A 352 6.38 -12.47 -7.11
C VAL A 352 5.87 -11.77 -5.84
N GLY A 353 4.85 -10.91 -5.98
CA GLY A 353 4.22 -10.20 -4.87
C GLY A 353 3.82 -11.14 -3.74
N GLY A 354 3.97 -10.69 -2.50
CA GLY A 354 3.68 -11.53 -1.34
C GLY A 354 4.90 -12.37 -0.99
N LEU A 355 5.36 -13.21 -1.94
CA LEU A 355 6.54 -14.07 -1.79
C LEU A 355 7.82 -13.26 -1.65
N ARG A 356 7.92 -12.13 -2.38
CA ARG A 356 9.08 -11.23 -2.33
C ARG A 356 9.05 -10.44 -1.01
N ASP A 357 7.83 -10.17 -0.50
CA ASP A 357 7.62 -9.47 0.76
C ASP A 357 7.96 -10.37 1.94
N ILE A 358 7.67 -11.68 1.82
CA ILE A 358 7.92 -12.68 2.86
C ILE A 358 9.36 -13.17 2.83
N ILE A 359 9.79 -13.76 1.71
CA ILE A 359 11.13 -14.33 1.58
C ILE A 359 12.19 -13.26 1.40
N THR A 360 13.07 -13.14 2.39
CA THR A 360 14.20 -12.21 2.35
C THR A 360 15.38 -12.97 1.74
N ASN A 361 16.52 -12.28 1.49
CA ASN A 361 17.73 -12.89 0.91
C ASN A 361 18.40 -13.93 1.83
N GLU A 362 18.17 -13.80 3.16
CA GLU A 362 18.73 -14.67 4.19
C GLU A 362 17.77 -15.79 4.64
N THR A 363 16.52 -15.81 4.11
CA THR A 363 15.51 -16.80 4.49
C THR A 363 15.03 -17.72 3.35
N GLY A 364 15.69 -17.66 2.19
CA GLY A 364 15.31 -18.51 1.06
C GLY A 364 15.96 -18.16 -0.26
N ILE A 365 15.69 -18.99 -1.28
CA ILE A 365 16.21 -18.80 -2.64
C ILE A 365 15.13 -18.21 -3.54
N LEU A 366 15.38 -17.03 -4.12
CA LEU A 366 14.43 -16.38 -5.02
C LEU A 366 14.80 -16.66 -6.46
N VAL A 367 13.79 -16.99 -7.28
CA VAL A 367 13.94 -17.39 -8.69
C VAL A 367 13.01 -16.56 -9.61
N LYS A 368 13.42 -16.36 -10.87
CA LYS A 368 12.61 -15.68 -11.88
C LYS A 368 11.48 -16.64 -12.29
N ALA A 369 10.21 -16.17 -12.19
CA ALA A 369 9.03 -16.98 -12.51
C ALA A 369 8.95 -17.37 -13.99
N GLY A 370 8.57 -18.62 -14.24
CA GLY A 370 8.40 -19.18 -15.57
C GLY A 370 9.69 -19.52 -16.30
N ASP A 371 10.74 -19.90 -15.54
CA ASP A 371 12.03 -20.28 -16.13
C ASP A 371 12.50 -21.63 -15.57
N PRO A 372 12.30 -22.76 -16.31
CA PRO A 372 12.69 -24.09 -15.79
C PRO A 372 14.20 -24.28 -15.58
N GLY A 373 15.01 -23.50 -16.30
CA GLY A 373 16.46 -23.53 -16.20
C GLY A 373 16.94 -22.86 -14.93
N GLU A 374 16.34 -21.70 -14.62
CA GLU A 374 16.63 -20.89 -13.43
C GLU A 374 16.22 -21.62 -12.14
N LEU A 375 15.15 -22.43 -12.22
CA LEU A 375 14.66 -23.23 -11.10
C LEU A 375 15.55 -24.46 -10.87
N ALA A 376 15.98 -25.11 -11.97
CA ALA A 376 16.86 -26.29 -11.93
C ALA A 376 18.21 -25.91 -11.32
N ASN A 377 18.72 -24.71 -11.64
CA ASN A 377 19.98 -24.18 -11.12
C ASN A 377 19.86 -23.83 -9.64
N ALA A 378 18.66 -23.35 -9.22
CA ALA A 378 18.36 -23.01 -7.83
C ALA A 378 18.31 -24.27 -6.98
N ILE A 379 17.74 -25.37 -7.53
CA ILE A 379 17.66 -26.69 -6.89
C ILE A 379 19.08 -27.26 -6.74
N LEU A 380 19.95 -27.03 -7.74
CA LEU A 380 21.36 -27.45 -7.71
C LEU A 380 22.14 -26.68 -6.64
N LYS A 381 21.82 -25.37 -6.47
CA LYS A 381 22.44 -24.49 -5.47
C LYS A 381 22.00 -24.92 -4.07
N ALA A 382 20.69 -25.24 -3.91
CA ALA A 382 20.10 -25.72 -2.66
C ALA A 382 20.73 -27.04 -2.21
N LEU A 383 21.08 -27.91 -3.19
CA LEU A 383 21.71 -29.21 -2.97
C LEU A 383 23.13 -29.08 -2.42
N GLU A 384 23.93 -28.13 -2.95
CA GLU A 384 25.30 -27.92 -2.50
C GLU A 384 25.36 -26.98 -1.28
N LEU A 385 24.61 -27.34 -0.22
CA LEU A 385 24.56 -26.60 1.04
C LEU A 385 24.70 -27.54 2.24
N SER A 386 25.78 -27.36 3.01
CA SER A 386 26.13 -28.16 4.19
C SER A 386 25.15 -27.97 5.35
N ARG A 387 25.09 -28.97 6.25
CA ARG A 387 24.22 -29.04 7.44
C ARG A 387 24.25 -27.78 8.32
N SER A 388 25.42 -27.12 8.42
CA SER A 388 25.63 -25.90 9.19
C SER A 388 24.93 -24.70 8.53
N ASP A 389 25.07 -24.57 7.19
CA ASP A 389 24.44 -23.53 6.37
C ASP A 389 22.92 -23.69 6.40
N LEU A 390 22.45 -24.96 6.41
CA LEU A 390 21.04 -25.32 6.46
C LEU A 390 20.40 -24.94 7.80
N SER A 391 21.07 -25.26 8.94
CA SER A 391 20.58 -24.95 10.29
C SER A 391 20.35 -23.46 10.56
N LYS A 392 21.23 -22.59 10.02
CA LYS A 392 21.10 -21.14 10.16
C LYS A 392 19.94 -20.62 9.31
N PHE A 393 19.77 -21.17 8.08
CA PHE A 393 18.68 -20.83 7.17
C PHE A 393 17.31 -21.12 7.84
N ARG A 394 17.17 -22.33 8.44
CA ARG A 394 15.96 -22.78 9.13
C ARG A 394 15.65 -21.89 10.31
N GLU A 395 16.69 -21.48 11.06
CA GLU A 395 16.60 -20.59 12.22
C GLU A 395 16.07 -19.21 11.79
N ASN A 396 16.57 -18.69 10.65
CA ASN A 396 16.16 -17.42 10.07
C ASN A 396 14.71 -17.47 9.58
N CYS A 397 14.31 -18.62 8.96
CA CYS A 397 12.96 -18.87 8.48
C CYS A 397 11.95 -18.81 9.62
N LYS A 398 12.31 -19.37 10.79
CA LYS A 398 11.48 -19.37 11.99
C LYS A 398 11.36 -17.96 12.57
N LYS A 399 12.50 -17.22 12.62
CA LYS A 399 12.56 -15.84 13.12
C LYS A 399 11.69 -14.91 12.27
N ARG A 400 11.68 -15.11 10.94
CA ARG A 400 10.87 -14.32 9.98
C ARG A 400 9.37 -14.58 10.16
N ALA A 401 8.99 -15.84 10.41
CA ALA A 401 7.61 -16.22 10.64
C ALA A 401 7.08 -15.65 11.96
N MET A 402 7.95 -15.59 12.98
CA MET A 402 7.65 -15.08 14.33
C MET A 402 7.24 -13.60 14.31
N SER A 403 7.93 -12.78 13.50
CA SER A 403 7.67 -11.35 13.37
C SER A 403 6.28 -11.04 12.79
N PHE A 404 5.73 -11.94 11.96
CA PHE A 404 4.39 -11.79 11.39
C PHE A 404 3.32 -12.00 12.47
N SER A 405 3.47 -13.05 13.30
CA SER A 405 2.56 -13.37 14.43
C SER A 405 2.63 -12.31 15.54
N LYS A 406 3.80 -11.69 15.71
CA LYS A 406 4.11 -10.64 16.69
C LYS A 406 3.17 -9.43 16.55
N LEU A 407 2.78 -9.09 15.30
CA LEU A 407 1.92 -7.96 14.98
C LEU A 407 0.40 -8.22 15.07
N LYS A 408 0.00 -9.42 15.56
CA LYS A 408 -1.41 -9.80 15.67
C LYS A 408 -2.25 -8.95 16.67
N PRO A 409 -1.80 -8.63 17.92
CA PRO A 409 -2.67 -7.85 18.82
C PRO A 409 -2.70 -6.34 18.57
N GLN A 410 -1.96 -5.85 17.56
CA GLN A 410 -1.87 -4.44 17.19
C GLN A 410 -3.20 -3.88 16.65
N ASP A 411 -3.43 -2.58 16.85
CA ASP A 411 -4.62 -1.84 16.41
C ASP A 411 -4.30 -1.16 15.07
N PHE A 412 -4.74 -1.78 13.95
CA PHE A 412 -4.50 -1.30 12.57
C PHE A 412 -5.52 -0.28 12.06
N ARG A 413 -6.27 0.38 12.98
CA ARG A 413 -7.32 1.35 12.64
C ARG A 413 -6.81 2.68 12.08
N ASN A 414 -5.60 3.15 12.50
CA ASN A 414 -5.01 4.39 11.98
C ASN A 414 -4.72 4.29 10.47
N PHE A 415 -4.28 3.09 10.00
CA PHE A 415 -4.03 2.82 8.57
C PHE A 415 -5.31 2.99 7.75
N VAL A 416 -6.48 2.65 8.35
CA VAL A 416 -7.79 2.79 7.73
C VAL A 416 -8.19 4.27 7.61
N THR A 417 -7.98 5.08 8.68
CA THR A 417 -8.33 6.52 8.67
C THR A 417 -7.55 7.26 7.57
N MET A 418 -6.21 7.07 7.54
CA MET A 418 -5.30 7.65 6.55
C MET A 418 -5.68 7.29 5.12
N PHE A 419 -6.13 6.03 4.92
CA PHE A 419 -6.60 5.51 3.63
C PHE A 419 -7.88 6.23 3.21
N VAL A 420 -8.82 6.45 4.16
CA VAL A 420 -10.09 7.16 3.91
C VAL A 420 -9.81 8.63 3.54
N VAL A 421 -8.82 9.26 4.21
CA VAL A 421 -8.37 10.64 3.95
C VAL A 421 -7.93 10.75 2.47
N PHE A 422 -7.14 9.76 1.99
CA PHE A 422 -6.67 9.69 0.61
C PHE A 422 -7.82 9.38 -0.35
N VAL A 423 -8.63 8.33 -0.06
CA VAL A 423 -9.75 7.91 -0.91
C VAL A 423 -10.69 9.08 -1.19
N LEU A 424 -11.04 9.84 -0.14
CA LEU A 424 -11.89 11.02 -0.29
C LEU A 424 -11.24 12.14 -1.08
N PHE A 425 -9.89 12.29 -0.98
CA PHE A 425 -9.14 13.28 -1.77
C PHE A 425 -9.23 12.90 -3.26
N ALA A 426 -9.02 11.62 -3.59
CA ALA A 426 -9.09 11.09 -4.94
C ALA A 426 -10.48 11.30 -5.54
N ILE A 427 -11.56 11.02 -4.75
CA ILE A 427 -12.97 11.22 -5.21
C ILE A 427 -13.22 12.70 -5.53
N CYS A 428 -12.76 13.61 -4.65
CA CYS A 428 -12.93 15.05 -4.76
C CYS A 428 -12.18 15.68 -5.93
N PHE A 429 -11.00 15.13 -6.29
CA PHE A 429 -10.18 15.71 -7.36
C PHE A 429 -10.14 14.93 -8.68
N ALA A 430 -10.63 13.68 -8.72
CA ALA A 430 -10.65 12.89 -9.97
C ALA A 430 -11.43 13.58 -11.12
N PRO A 431 -12.67 14.14 -10.93
CA PRO A 431 -13.36 14.79 -12.06
C PRO A 431 -12.63 16.01 -12.61
N LEU A 432 -11.96 16.80 -11.75
CA LEU A 432 -11.21 18.00 -12.11
C LEU A 432 -10.02 17.66 -13.02
N ASN A 433 -9.28 16.59 -12.70
CA ASN A 433 -8.15 16.14 -13.50
C ASN A 433 -8.57 15.50 -14.82
N PHE A 434 -9.77 14.87 -14.86
CA PHE A 434 -10.34 14.27 -16.06
C PHE A 434 -10.79 15.34 -17.03
N ILE A 435 -11.36 16.45 -16.49
CA ILE A 435 -11.80 17.63 -17.25
C ILE A 435 -10.52 18.32 -17.77
N GLY A 436 -9.48 18.34 -16.95
CA GLY A 436 -8.17 18.91 -17.29
C GLY A 436 -7.58 18.29 -18.54
N LEU A 437 -7.61 16.93 -18.62
CA LEU A 437 -7.12 16.16 -19.77
C LEU A 437 -7.99 16.40 -21.01
N ALA A 438 -9.34 16.50 -20.80
CA ALA A 438 -10.31 16.74 -21.86
C ALA A 438 -10.13 18.14 -22.47
N VAL A 439 -9.83 19.15 -21.63
CA VAL A 439 -9.59 20.54 -22.04
C VAL A 439 -8.22 20.63 -22.77
N ALA A 440 -7.18 19.98 -22.21
CA ALA A 440 -5.82 19.97 -22.79
C ALA A 440 -5.74 19.42 -24.21
N SER A 441 -6.68 18.50 -24.59
CA SER A 441 -6.72 17.88 -25.92
C SER A 441 -7.03 18.87 -27.05
N ASP A 442 -7.95 19.83 -26.80
CA ASP A 442 -8.36 20.88 -27.73
C ASP A 442 -8.92 22.05 -26.88
N PRO A 443 -8.04 22.96 -26.38
CA PRO A 443 -8.54 24.07 -25.53
C PRO A 443 -9.62 24.95 -26.12
N ALA A 444 -9.57 25.23 -27.43
CA ALA A 444 -10.55 26.08 -28.10
C ALA A 444 -11.92 25.42 -28.27
N SER A 445 -11.95 24.13 -28.66
CA SER A 445 -13.17 23.38 -28.93
C SER A 445 -13.82 22.70 -27.73
N MET A 446 -13.01 22.14 -26.82
CA MET A 446 -13.54 21.40 -25.67
C MET A 446 -14.12 22.28 -24.53
N VAL A 447 -13.76 23.59 -24.47
CA VAL A 447 -14.30 24.50 -23.46
C VAL A 447 -15.86 24.56 -23.57
N PRO A 448 -16.48 24.87 -24.74
CA PRO A 448 -17.97 24.84 -24.80
C PRO A 448 -18.55 23.41 -24.84
N ARG A 449 -17.74 22.42 -25.29
CA ARG A 449 -18.13 21.01 -25.41
C ARG A 449 -18.29 20.27 -24.06
N ILE A 450 -17.79 20.87 -22.96
CA ILE A 450 -17.90 20.31 -21.61
C ILE A 450 -19.09 20.98 -20.86
N PRO A 451 -20.04 20.18 -20.30
CA PRO A 451 -21.20 20.79 -19.61
C PRO A 451 -20.85 21.65 -18.39
N GLU A 452 -21.55 22.80 -18.25
CA GLU A 452 -21.33 23.76 -17.17
C GLU A 452 -21.60 23.18 -15.79
N TRP A 453 -22.65 22.34 -15.65
CA TRP A 453 -23.00 21.70 -14.38
C TRP A 453 -21.86 20.80 -13.88
N LEU A 454 -21.22 20.07 -14.80
CA LEU A 454 -20.11 19.16 -14.51
C LEU A 454 -18.87 19.93 -14.07
N PHE A 455 -18.57 21.04 -14.77
CA PHE A 455 -17.42 21.90 -14.48
C PHE A 455 -17.56 22.59 -13.11
N VAL A 456 -18.76 23.10 -12.81
CA VAL A 456 -19.06 23.80 -11.54
C VAL A 456 -19.00 22.83 -10.36
N ALA A 457 -19.63 21.64 -10.48
CA ALA A 457 -19.64 20.60 -9.45
C ALA A 457 -18.22 20.11 -9.14
N SER A 458 -17.40 19.89 -10.19
CA SER A 458 -16.00 19.43 -10.07
C SER A 458 -15.10 20.37 -9.27
N TYR A 459 -15.31 21.69 -9.41
CA TYR A 459 -14.53 22.69 -8.70
C TYR A 459 -14.96 22.82 -7.25
N TYR A 460 -16.28 22.81 -6.98
CA TYR A 460 -16.83 22.94 -5.63
C TYR A 460 -16.73 21.65 -4.82
N MET A 461 -16.59 20.49 -5.50
CA MET A 461 -16.37 19.18 -4.87
C MET A 461 -14.93 19.19 -4.34
N ALA A 462 -13.99 19.77 -5.14
CA ALA A 462 -12.58 19.93 -4.83
C ALA A 462 -12.37 20.92 -3.68
N TYR A 463 -13.24 21.96 -3.62
CA TYR A 463 -13.21 22.97 -2.57
C TYR A 463 -13.69 22.39 -1.26
N PHE A 464 -14.77 21.56 -1.31
CA PHE A 464 -15.39 20.89 -0.16
C PHE A 464 -14.40 20.00 0.60
N ASN A 465 -13.39 19.48 -0.11
CA ASN A 465 -12.34 18.62 0.42
C ASN A 465 -11.50 19.29 1.53
N SER A 466 -11.38 20.64 1.47
CA SER A 466 -10.62 21.43 2.44
C SER A 466 -11.16 21.39 3.87
N CYS A 467 -12.40 20.87 4.07
CA CYS A 467 -13.01 20.75 5.41
C CYS A 467 -13.31 19.28 5.81
N LEU A 468 -12.99 18.31 4.93
CA LEU A 468 -13.29 16.88 5.14
C LEU A 468 -12.44 16.15 6.17
N ASN A 469 -11.10 16.30 6.10
CA ASN A 469 -10.14 15.64 7.00
C ASN A 469 -10.48 15.79 8.51
N PRO A 470 -10.82 16.99 9.07
CA PRO A 470 -11.19 17.05 10.51
C PRO A 470 -12.41 16.19 10.86
N ILE A 471 -13.39 16.06 9.93
CA ILE A 471 -14.60 15.23 10.12
C ILE A 471 -14.21 13.74 10.14
N ILE A 472 -13.33 13.31 9.20
CA ILE A 472 -12.83 11.93 9.06
C ILE A 472 -12.13 11.50 10.35
N TYR A 473 -11.16 12.32 10.85
CA TYR A 473 -10.40 12.05 12.09
C TYR A 473 -11.32 11.86 13.30
N GLY A 474 -12.38 12.66 13.37
CA GLY A 474 -13.36 12.60 14.44
C GLY A 474 -14.24 11.37 14.40
N LEU A 475 -14.65 10.96 13.19
CA LEU A 475 -15.52 9.79 13.01
C LEU A 475 -14.83 8.44 13.07
N LEU A 476 -13.55 8.34 12.63
CA LEU A 476 -12.86 7.06 12.58
C LEU A 476 -11.74 6.89 13.63
N ASP A 477 -11.07 7.97 14.04
CA ASP A 477 -9.99 7.87 15.04
C ASP A 477 -10.48 8.23 16.43
N GLN A 478 -10.31 7.30 17.38
CA GLN A 478 -10.75 7.43 18.77
C GLN A 478 -9.95 8.45 19.57
N ASN A 479 -8.64 8.57 19.29
CA ASN A 479 -7.77 9.54 19.97
C ASN A 479 -8.17 10.96 19.61
N PHE A 480 -8.48 11.22 18.32
CA PHE A 480 -8.94 12.54 17.84
C PHE A 480 -10.32 12.87 18.41
N ARG A 481 -11.25 11.88 18.41
CA ARG A 481 -12.62 12.01 18.91
C ARG A 481 -12.63 12.42 20.39
N LYS A 482 -11.76 11.78 21.19
CA LYS A 482 -11.62 12.03 22.63
C LYS A 482 -11.09 13.45 22.89
N GLU A 483 -10.09 13.89 22.09
CA GLU A 483 -9.49 15.22 22.22
C GLU A 483 -10.40 16.35 21.80
N TYR A 484 -11.23 16.14 20.74
CA TYR A 484 -12.20 17.13 20.27
C TYR A 484 -13.14 17.49 21.42
N ARG A 485 -13.62 16.47 22.16
CA ARG A 485 -14.47 16.60 23.34
C ARG A 485 -13.73 17.28 24.49
N ARG A 486 -12.45 16.90 24.72
CA ARG A 486 -11.58 17.45 25.77
C ARG A 486 -11.36 18.97 25.61
N ILE A 487 -10.99 19.42 24.39
CA ILE A 487 -10.74 20.82 24.05
C ILE A 487 -12.03 21.65 24.12
N ILE A 488 -13.14 21.13 23.51
CA ILE A 488 -14.46 21.78 23.50
C ILE A 488 -14.98 22.05 24.91
N VAL A 489 -14.77 21.10 25.84
CA VAL A 489 -15.20 21.24 27.24
C VAL A 489 -14.25 22.21 27.99
N SER A 490 -12.92 21.99 27.92
CA SER A 490 -11.88 22.79 28.58
C SER A 490 -11.97 24.30 28.27
N LEU A 491 -12.32 24.66 27.03
CA LEU A 491 -12.44 26.05 26.59
C LEU A 491 -13.81 26.66 26.96
N CYS A 492 -14.79 25.82 27.34
CA CYS A 492 -16.14 26.29 27.68
C CYS A 492 -16.56 26.06 29.15
N THR A 493 -15.73 25.36 29.94
CA THR A 493 -16.00 25.10 31.36
C THR A 493 -15.16 26.04 32.22
N ALA A 494 -15.84 26.95 32.93
CA ALA A 494 -15.24 27.95 33.80
C ALA A 494 -14.72 27.36 35.11
N ARG A 495 -13.65 27.98 35.66
CA ARG A 495 -13.05 27.58 36.92
C ARG A 495 -13.64 28.44 38.05
N VAL A 496 -14.17 27.79 39.09
CA VAL A 496 -14.80 28.48 40.23
C VAL A 496 -14.22 28.06 41.59
N PHE A 497 -14.49 28.87 42.63
CA PHE A 497 -14.03 28.63 44.00
C PHE A 497 -15.24 28.65 44.96
N PHE A 498 -15.59 27.47 45.52
CA PHE A 498 -16.73 27.29 46.43
C PHE A 498 -16.53 27.99 47.78
#